data_2Q3L
#
_entry.id   2Q3L
#
_cell.length_a   40.387
_cell.length_b   113.963
_cell.length_c   130.692
_cell.angle_alpha   90.000
_cell.angle_beta   90.000
_cell.angle_gamma   90.000
#
_symmetry.space_group_name_H-M   'C 2 2 21'
#
loop_
_entity.id
_entity.type
_entity.pdbx_description
1 polymer 'Uncharacterized protein'
2 non-polymer 'SODIUM ION'
3 non-polymer 'CHLORIDE ION'
4 non-polymer (4S)-2-METHYL-2,4-PENTANEDIOL
5 water water
#
_entity_poly.entity_id   1
_entity_poly.type   'polypeptide(L)'
_entity_poly.pdbx_seq_one_letter_code
;G(MSE)SSNLHGIAIGIERSQDDFYLAFKAVGKLTHEDYEQ(MSE)TPLLESALAGIKTPEIVALIDITELDGLSLHAAW
DDLKLGLKHGKEFKRVAIIGQGELQEWATRVANWFTPGEFKFFEDKRDALDWLC
;
_entity_poly.pdbx_strand_id   A,B
#
# COMPACT_ATOMS: atom_id res chain seq x y z
N GLY A 1 17.17 -1.89 0.02
CA GLY A 1 15.89 -1.14 0.34
C GLY A 1 14.62 -1.98 0.41
N SER A 3 11.60 -4.39 2.77
CA SER A 3 10.73 -4.21 3.93
C SER A 3 9.71 -5.33 3.93
N SER A 4 9.41 -5.92 5.09
CA SER A 4 8.38 -6.97 5.21
C SER A 4 7.47 -6.72 6.43
N ASN A 5 7.02 -5.48 6.54
CA ASN A 5 6.14 -5.01 7.61
C ASN A 5 4.79 -5.74 7.72
N LEU A 6 4.39 -6.05 8.94
CA LEU A 6 3.12 -6.72 9.18
C LEU A 6 1.96 -5.73 9.12
N HIS A 7 0.92 -6.09 8.40
CA HIS A 7 -0.27 -5.21 8.32
C HIS A 7 -1.50 -6.00 7.99
N GLY A 8 -2.65 -5.40 8.24
CA GLY A 8 -3.92 -5.99 7.89
C GLY A 8 -5.09 -5.51 8.70
N ILE A 9 -6.27 -5.96 8.31
CA ILE A 9 -7.49 -5.71 9.07
C ILE A 9 -8.08 -7.06 9.38
N ALA A 10 -8.32 -7.32 10.67
CA ALA A 10 -9.03 -8.50 11.12
C ALA A 10 -10.47 -8.00 11.33
N ILE A 11 -11.45 -8.74 10.82
CA ILE A 11 -12.85 -8.44 11.03
C ILE A 11 -13.56 -9.68 11.58
N GLY A 12 -14.40 -9.51 12.59
CA GLY A 12 -15.16 -10.61 13.11
C GLY A 12 -16.40 -10.12 13.84
N ILE A 13 -17.28 -11.03 14.21
CA ILE A 13 -18.45 -10.71 14.96
C ILE A 13 -18.22 -11.32 16.33
N GLU A 14 -18.21 -10.46 17.36
N GLU A 14 -18.30 -10.49 17.37
CA GLU A 14 -17.94 -10.85 18.74
CA GLU A 14 -18.01 -10.90 18.71
C GLU A 14 -19.19 -10.68 19.62
C GLU A 14 -19.21 -10.70 19.61
N ARG A 15 -19.11 -11.23 20.82
CA ARG A 15 -20.18 -11.17 21.79
C ARG A 15 -19.72 -10.54 23.09
N SER A 16 -20.60 -9.74 23.70
CA SER A 16 -20.42 -9.21 25.05
C SER A 16 -21.75 -9.43 25.78
N GLN A 17 -21.82 -10.48 26.60
CA GLN A 17 -23.05 -10.79 27.34
C GLN A 17 -24.12 -11.22 26.35
N ASP A 18 -25.24 -10.52 26.27
CA ASP A 18 -26.31 -10.85 25.30
C ASP A 18 -26.33 -10.02 24.02
N ASP A 19 -25.21 -9.36 23.72
CA ASP A 19 -25.12 -8.51 22.54
C ASP A 19 -23.99 -8.95 21.62
N PHE A 20 -24.25 -8.91 20.33
CA PHE A 20 -23.24 -9.16 19.34
C PHE A 20 -22.73 -7.79 18.85
N TYR A 21 -21.47 -7.71 18.43
CA TYR A 21 -20.94 -6.48 17.90
C TYR A 21 -19.93 -6.84 16.82
N LEU A 22 -19.73 -5.90 15.91
CA LEU A 22 -18.81 -6.08 14.81
C LEU A 22 -17.46 -5.58 15.30
N ALA A 23 -16.42 -6.41 15.13
CA ALA A 23 -15.10 -6.08 15.64
C ALA A 23 -14.10 -5.99 14.52
N PHE A 24 -13.27 -4.96 14.60
CA PHE A 24 -12.18 -4.75 13.67
C PHE A 24 -10.93 -4.54 14.47
N LYS A 25 -9.81 -4.95 13.87
CA LYS A 25 -8.52 -4.69 14.44
C LYS A 25 -7.63 -4.38 13.27
N ALA A 26 -7.18 -3.13 13.22
CA ALA A 26 -6.36 -2.59 12.15
C ALA A 26 -4.91 -2.55 12.61
N VAL A 27 -4.04 -3.20 11.83
CA VAL A 27 -2.63 -3.34 12.19
C VAL A 27 -1.66 -2.88 11.11
N GLY A 28 -0.66 -2.12 11.51
CA GLY A 28 0.40 -1.68 10.59
C GLY A 28 -0.07 -0.62 9.64
N LYS A 29 0.47 -0.66 8.41
CA LYS A 29 0.18 0.31 7.36
C LYS A 29 -0.77 -0.37 6.37
N LEU A 30 -2.02 0.05 6.39
CA LEU A 30 -3.10 -0.57 5.62
C LEU A 30 -2.97 -0.22 4.14
N THR A 31 -3.24 -1.23 3.31
CA THR A 31 -3.19 -1.10 1.87
C THR A 31 -4.58 -1.32 1.31
N HIS A 32 -4.73 -0.96 0.05
CA HIS A 32 -5.95 -1.19 -0.68
C HIS A 32 -6.33 -2.69 -0.73
N GLU A 33 -5.33 -3.54 -0.85
CA GLU A 33 -5.50 -4.98 -0.86
C GLU A 33 -6.11 -5.43 0.48
N ASP A 34 -5.76 -4.76 1.59
CA ASP A 34 -6.35 -5.08 2.89
C ASP A 34 -7.83 -4.74 2.91
N TYR A 35 -8.21 -3.57 2.37
CA TYR A 35 -9.63 -3.18 2.28
C TYR A 35 -10.38 -4.11 1.35
N GLU A 36 -9.75 -4.51 0.26
CA GLU A 36 -10.34 -5.48 -0.61
C GLU A 36 -10.61 -6.83 0.05
N GLN A 37 -9.67 -7.36 0.84
CA GLN A 37 -9.87 -8.62 1.56
C GLN A 37 -11.01 -8.56 2.58
N THR A 39 -13.68 -6.33 2.60
CA THR A 39 -14.93 -5.75 2.14
C THR A 39 -16.09 -6.76 1.99
N PRO A 40 -15.84 -7.95 1.38
CA PRO A 40 -16.89 -8.96 1.29
C PRO A 40 -17.43 -9.41 2.64
N LEU A 41 -16.58 -9.55 3.65
CA LEU A 41 -17.04 -9.89 5.01
C LEU A 41 -17.89 -8.78 5.60
N LEU A 42 -17.47 -7.56 5.38
CA LEU A 42 -18.25 -6.43 5.84
C LEU A 42 -19.60 -6.44 5.15
N GLU A 43 -19.62 -6.57 3.82
CA GLU A 43 -20.90 -6.62 3.10
C GLU A 43 -21.82 -7.80 3.60
N SER A 44 -21.20 -8.94 3.95
CA SER A 44 -21.91 -10.07 4.50
C SER A 44 -22.55 -9.69 5.88
N ALA A 45 -21.73 -9.14 6.78
CA ALA A 45 -22.18 -8.66 8.09
C ALA A 45 -23.35 -7.70 8.06
N LEU A 46 -23.40 -6.82 7.08
CA LEU A 46 -24.43 -5.81 7.01
C LEU A 46 -25.57 -6.08 6.06
N ALA A 47 -25.62 -7.28 5.48
CA ALA A 47 -26.68 -7.62 4.53
C ALA A 47 -28.05 -7.46 5.21
N GLY A 48 -28.93 -6.75 4.52
CA GLY A 48 -30.28 -6.48 4.99
C GLY A 48 -30.48 -5.30 5.93
N ILE A 49 -29.40 -4.67 6.40
CA ILE A 49 -29.48 -3.58 7.37
C ILE A 49 -29.59 -2.21 6.67
N LYS A 50 -30.68 -1.51 6.90
CA LYS A 50 -30.92 -0.21 6.27
C LYS A 50 -31.27 0.84 7.33
N THR A 51 -31.05 0.50 8.60
CA THR A 51 -31.35 1.41 9.70
C THR A 51 -30.15 1.41 10.64
N PRO A 52 -30.05 2.46 11.48
CA PRO A 52 -28.86 2.55 12.37
C PRO A 52 -28.92 1.54 13.52
N GLU A 53 -28.46 0.33 13.24
CA GLU A 53 -28.57 -0.79 14.19
C GLU A 53 -27.28 -1.40 14.64
N ILE A 54 -26.24 -1.14 13.90
CA ILE A 54 -25.00 -1.79 14.15
C ILE A 54 -24.14 -1.06 15.16
N VAL A 55 -23.49 -1.85 16.01
CA VAL A 55 -22.53 -1.29 16.92
C VAL A 55 -21.22 -1.96 16.60
N ALA A 56 -20.14 -1.18 16.49
CA ALA A 56 -18.80 -1.75 16.22
C ALA A 56 -17.69 -1.28 17.16
N LEU A 57 -16.66 -2.11 17.26
CA LEU A 57 -15.43 -1.82 17.96
C LEU A 57 -14.30 -1.85 16.94
N ILE A 58 -13.43 -0.84 16.97
CA ILE A 58 -12.28 -0.78 16.05
C ILE A 58 -11.05 -0.55 16.93
N ASP A 59 -10.19 -1.57 16.99
CA ASP A 59 -8.95 -1.53 17.76
C ASP A 59 -7.88 -1.00 16.78
N ILE A 60 -7.41 0.20 17.08
CA ILE A 60 -6.34 0.83 16.34
C ILE A 60 -5.06 0.93 17.16
N THR A 61 -4.94 0.12 18.22
CA THR A 61 -3.75 0.16 19.08
C THR A 61 -2.43 -0.18 18.33
N GLU A 62 -2.51 -0.99 17.29
CA GLU A 62 -1.32 -1.40 16.54
C GLU A 62 -1.36 -0.86 15.09
N LEU A 63 -2.19 0.15 14.86
CA LEU A 63 -2.30 0.81 13.57
C LEU A 63 -1.24 1.85 13.38
N ASP A 64 -0.49 1.77 12.28
CA ASP A 64 0.50 2.78 11.93
C ASP A 64 -0.17 3.82 11.02
N GLY A 65 -0.93 3.41 10.03
CA GLY A 65 -1.59 4.37 9.14
C GLY A 65 -2.24 3.71 7.94
N LEU A 66 -2.71 4.53 7.01
CA LEU A 66 -3.34 4.06 5.78
C LEU A 66 -2.59 4.55 4.55
N SER A 67 -2.45 3.72 3.53
CA SER A 67 -1.92 4.21 2.26
C SER A 67 -2.94 5.19 1.72
N LEU A 68 -2.55 5.91 0.68
CA LEU A 68 -3.42 6.90 0.07
C LEU A 68 -4.66 6.21 -0.49
N HIS A 69 -4.45 5.14 -1.25
CA HIS A 69 -5.55 4.39 -1.82
C HIS A 69 -6.46 3.82 -0.70
N ALA A 70 -5.85 3.28 0.37
CA ALA A 70 -6.59 2.74 1.50
C ALA A 70 -7.47 3.81 2.16
N ALA A 71 -6.95 5.04 2.32
CA ALA A 71 -7.75 6.12 2.88
C ALA A 71 -9.01 6.38 2.03
N TRP A 72 -8.89 6.29 0.72
CA TRP A 72 -10.03 6.42 -0.14
C TRP A 72 -11.03 5.28 -0.01
N ASP A 73 -10.52 4.03 0.11
CA ASP A 73 -11.35 2.84 0.33
C ASP A 73 -12.14 3.02 1.63
N ASP A 74 -11.44 3.47 2.67
CA ASP A 74 -12.07 3.71 3.95
C ASP A 74 -13.22 4.73 3.86
N LEU A 75 -12.99 5.84 3.20
CA LEU A 75 -14.04 6.86 3.04
C LEU A 75 -15.22 6.31 2.25
N LYS A 76 -14.92 5.54 1.21
CA LYS A 76 -15.95 4.88 0.37
C LYS A 76 -16.81 3.94 1.20
N LEU A 77 -16.18 3.15 2.07
CA LEU A 77 -16.92 2.29 2.97
C LEU A 77 -17.76 3.13 3.94
N GLY A 78 -17.24 4.24 4.45
CA GLY A 78 -18.06 5.09 5.35
C GLY A 78 -19.28 5.71 4.68
N LEU A 79 -19.12 6.17 3.44
CA LEU A 79 -20.20 6.76 2.68
C LEU A 79 -21.24 5.72 2.36
N LYS A 80 -20.78 4.49 2.16
CA LYS A 80 -21.69 3.37 1.78
C LYS A 80 -22.39 2.70 2.92
N HIS A 81 -21.72 2.56 4.07
CA HIS A 81 -22.30 1.80 5.21
C HIS A 81 -22.42 2.49 6.51
N GLY A 82 -21.84 3.69 6.63
CA GLY A 82 -21.74 4.34 7.91
C GLY A 82 -23.04 4.67 8.59
N LYS A 83 -24.05 4.99 7.80
CA LYS A 83 -25.35 5.40 8.36
C LYS A 83 -26.00 4.21 9.13
N GLU A 84 -25.56 2.98 8.82
CA GLU A 84 -26.08 1.77 9.45
C GLU A 84 -25.49 1.51 10.82
N PHE A 85 -24.45 2.26 11.19
CA PHE A 85 -23.82 2.16 12.52
C PHE A 85 -24.34 3.24 13.45
N LYS A 86 -24.90 2.84 14.60
CA LYS A 86 -25.36 3.82 15.61
C LYS A 86 -24.25 4.19 16.57
N ARG A 87 -23.38 3.23 16.93
CA ARG A 87 -22.25 3.52 17.81
C ARG A 87 -21.03 2.81 17.35
N VAL A 88 -19.91 3.51 17.45
CA VAL A 88 -18.59 2.97 17.17
C VAL A 88 -17.60 3.34 18.30
N ALA A 89 -17.06 2.30 18.92
CA ALA A 89 -16.04 2.46 19.97
C ALA A 89 -14.66 2.33 19.35
N ILE A 90 -13.80 3.34 19.56
CA ILE A 90 -12.44 3.26 19.10
C ILE A 90 -11.52 2.95 20.27
N ILE A 91 -10.70 1.93 20.12
CA ILE A 91 -9.76 1.53 21.16
C ILE A 91 -8.36 1.86 20.69
N GLY A 92 -7.70 2.77 21.40
CA GLY A 92 -6.35 3.14 21.04
C GLY A 92 -5.60 3.69 22.25
N GLN A 93 -4.59 4.49 22.00
CA GLN A 93 -3.83 5.06 23.08
C GLN A 93 -3.52 6.48 22.77
N GLY A 94 -3.62 7.34 23.77
CA GLY A 94 -3.20 8.74 23.63
C GLY A 94 -4.26 9.74 23.20
N GLU A 95 -3.97 11.00 23.48
CA GLU A 95 -4.87 12.11 23.22
C GLU A 95 -4.97 12.53 21.75
N LEU A 96 -3.93 12.25 20.98
CA LEU A 96 -3.96 12.58 19.56
C LEU A 96 -4.94 11.65 18.84
N GLN A 97 -4.96 10.38 19.23
CA GLN A 97 -5.96 9.47 18.65
C GLN A 97 -7.36 9.77 19.18
N GLU A 98 -7.44 10.26 20.41
CA GLU A 98 -8.72 10.64 21.01
C GLU A 98 -9.26 11.80 20.20
N TRP A 99 -8.42 12.79 19.97
CA TRP A 99 -8.80 13.93 19.18
C TRP A 99 -9.26 13.54 17.78
N ALA A 100 -8.52 12.68 17.09
CA ALA A 100 -8.92 12.19 15.76
C ALA A 100 -10.25 11.45 15.76
N THR A 101 -10.59 10.83 16.89
CA THR A 101 -11.88 10.12 17.05
C THR A 101 -13.01 11.15 17.14
N ARG A 102 -12.75 12.26 17.85
CA ARG A 102 -13.68 13.37 18.01
C ARG A 102 -13.91 14.08 16.68
N VAL A 103 -12.86 14.21 15.88
CA VAL A 103 -13.00 14.75 14.54
C VAL A 103 -13.85 13.78 13.71
N ALA A 104 -13.54 12.48 13.73
CA ALA A 104 -14.39 11.54 12.98
C ALA A 104 -15.86 11.60 13.42
N ASN A 105 -16.09 11.80 14.73
CA ASN A 105 -17.44 11.81 15.27
C ASN A 105 -18.20 13.03 14.73
N TRP A 106 -17.48 14.13 14.48
CA TRP A 106 -18.13 15.28 13.94
C TRP A 106 -18.66 14.99 12.54
N PHE A 107 -17.88 14.25 11.76
CA PHE A 107 -18.26 13.97 10.39
C PHE A 107 -19.36 12.95 10.18
N THR A 108 -19.59 12.10 11.19
CA THR A 108 -20.39 10.87 11.01
C THR A 108 -21.73 10.86 11.71
N PRO A 109 -22.73 10.15 11.11
CA PRO A 109 -24.03 10.11 11.78
C PRO A 109 -24.04 9.26 13.01
N GLY A 110 -23.27 8.18 13.04
CA GLY A 110 -23.19 7.29 14.20
C GLY A 110 -22.32 7.91 15.26
N GLU A 111 -22.43 7.44 16.49
CA GLU A 111 -21.70 8.08 17.59
C GLU A 111 -20.40 7.34 17.75
N PHE A 112 -19.29 8.02 17.51
CA PHE A 112 -17.94 7.51 17.69
C PHE A 112 -17.43 8.00 19.05
N LYS A 113 -16.88 7.10 19.86
CA LYS A 113 -16.31 7.46 21.18
C LYS A 113 -14.99 6.66 21.34
N PHE A 114 -14.00 7.34 21.88
CA PHE A 114 -12.64 6.78 22.10
C PHE A 114 -12.44 6.16 23.50
N PHE A 115 -11.78 5.01 23.56
CA PHE A 115 -11.39 4.33 24.81
C PHE A 115 -9.97 3.79 24.73
N GLU A 116 -9.37 3.58 25.89
CA GLU A 116 -8.11 2.85 26.06
C GLU A 116 -8.39 1.46 26.64
N ASP A 117 -9.49 1.30 27.39
CA ASP A 117 -9.89 0.01 27.95
C ASP A 117 -11.08 -0.66 27.18
N LYS A 118 -10.87 -1.88 26.71
CA LYS A 118 -11.86 -2.68 26.00
C LYS A 118 -13.12 -2.90 26.84
N ARG A 119 -12.99 -3.25 28.12
CA ARG A 119 -14.15 -3.47 28.99
C ARG A 119 -15.01 -2.18 29.15
N ASP A 120 -14.36 -1.04 29.32
CA ASP A 120 -15.10 0.23 29.28
C ASP A 120 -15.79 0.47 27.94
N ALA A 121 -15.08 0.19 26.84
CA ALA A 121 -15.63 0.42 25.52
C ALA A 121 -16.85 -0.47 25.31
N LEU A 122 -16.72 -1.74 25.65
CA LEU A 122 -17.84 -2.68 25.48
C LEU A 122 -19.01 -2.37 26.37
N ASP A 123 -18.77 -1.80 27.55
CA ASP A 123 -19.85 -1.42 28.41
C ASP A 123 -20.68 -0.31 27.77
N TRP A 124 -20.02 0.67 27.17
CA TRP A 124 -20.67 1.80 26.49
C TRP A 124 -21.28 1.36 25.15
N LEU A 125 -20.56 0.51 24.45
CA LEU A 125 -20.96 0.11 23.11
C LEU A 125 -22.24 -0.64 23.07
N CYS A 126 -22.38 -1.64 23.93
CA CYS A 126 -23.56 -2.50 23.94
C CYS A 126 -24.45 -2.07 25.08
N GLY B 1 -7.29 -10.14 7.04
CA GLY B 1 -6.32 -10.86 7.88
C GLY B 1 -4.99 -10.17 7.77
N SER B 3 -0.73 -9.89 6.88
CA SER B 3 0.29 -10.27 5.89
C SER B 3 1.59 -9.49 6.14
N SER B 4 2.70 -10.00 5.63
CA SER B 4 4.05 -9.42 5.80
C SER B 4 4.89 -9.66 4.55
N ASN B 5 4.30 -9.36 3.41
N ASN B 5 4.31 -9.46 3.37
CA ASN B 5 4.90 -9.50 2.08
CA ASN B 5 5.03 -9.75 2.16
C ASN B 5 6.19 -8.70 1.97
C ASN B 5 6.17 -8.76 1.96
N LEU B 6 7.22 -9.27 1.32
CA LEU B 6 8.48 -8.55 1.11
C LEU B 6 8.34 -7.65 -0.11
N HIS B 7 8.77 -6.40 0.04
CA HIS B 7 8.74 -5.44 -1.04
C HIS B 7 9.83 -4.34 -0.91
N GLY B 8 10.25 -3.81 -2.06
CA GLY B 8 11.19 -2.73 -2.03
C GLY B 8 11.97 -2.58 -3.27
N ILE B 9 12.85 -1.58 -3.25
CA ILE B 9 13.69 -1.29 -4.41
C ILE B 9 15.16 -1.22 -4.04
N ALA B 10 15.97 -2.05 -4.69
CA ALA B 10 17.39 -2.06 -4.54
C ALA B 10 17.96 -1.20 -5.67
N ILE B 11 18.89 -0.31 -5.37
CA ILE B 11 19.51 0.53 -6.39
C ILE B 11 21.00 0.60 -6.14
N GLY B 12 21.77 0.71 -7.21
CA GLY B 12 23.18 0.86 -7.10
C GLY B 12 23.89 0.89 -8.45
N ILE B 13 25.13 1.34 -8.44
CA ILE B 13 25.89 1.41 -9.66
C ILE B 13 26.67 0.12 -9.76
N GLU B 14 26.69 -0.46 -10.96
CA GLU B 14 27.41 -1.72 -11.23
C GLU B 14 28.31 -1.65 -12.47
N ARG B 15 29.24 -2.61 -12.56
CA ARG B 15 30.22 -2.69 -13.66
C ARG B 15 29.95 -3.85 -14.67
N SER B 16 30.31 -3.63 -15.93
CA SER B 16 30.29 -4.66 -16.98
C SER B 16 31.48 -4.36 -17.85
N GLN B 17 32.58 -5.04 -17.52
CA GLN B 17 33.88 -4.81 -18.14
C GLN B 17 34.33 -3.46 -17.53
N ASP B 18 34.94 -2.59 -18.31
CA ASP B 18 35.39 -1.32 -17.76
C ASP B 18 34.36 -0.30 -18.18
N ASP B 19 33.12 -0.60 -17.79
CA ASP B 19 31.94 0.10 -18.23
C ASP B 19 30.83 0.02 -17.15
N PHE B 20 30.11 1.12 -16.88
CA PHE B 20 29.11 1.18 -15.77
C PHE B 20 27.64 1.46 -16.08
N TYR B 21 26.75 0.92 -15.26
CA TYR B 21 25.30 1.15 -15.42
C TYR B 21 24.62 1.28 -14.06
N LEU B 22 23.39 1.74 -14.07
CA LEU B 22 22.66 1.93 -12.86
C LEU B 22 21.72 0.75 -12.74
N ALA B 23 21.84 0.00 -11.65
CA ALA B 23 21.05 -1.19 -11.44
C ALA B 23 19.89 -1.01 -10.44
N PHE B 24 18.72 -1.50 -10.83
CA PHE B 24 17.53 -1.47 -10.01
C PHE B 24 16.96 -2.88 -9.90
N LYS B 25 16.46 -3.23 -8.73
CA LYS B 25 15.69 -4.45 -8.56
C LYS B 25 14.43 -4.12 -7.80
N ALA B 26 13.30 -4.41 -8.43
CA ALA B 26 11.98 -4.12 -7.92
C ALA B 26 11.41 -5.42 -7.44
N VAL B 27 11.05 -5.47 -6.15
CA VAL B 27 10.53 -6.65 -5.53
C VAL B 27 9.14 -6.42 -4.87
N GLY B 28 8.22 -7.31 -5.16
CA GLY B 28 6.93 -7.28 -4.50
C GLY B 28 5.99 -6.21 -4.94
N LYS B 29 5.12 -5.80 -4.03
CA LYS B 29 4.15 -4.74 -4.29
C LYS B 29 4.78 -3.46 -3.77
N LEU B 30 5.20 -2.62 -4.71
CA LEU B 30 5.88 -1.37 -4.34
C LEU B 30 4.92 -0.34 -3.74
N THR B 31 5.42 0.39 -2.74
CA THR B 31 4.65 1.42 -2.08
C THR B 31 5.32 2.78 -2.20
N HIS B 32 4.58 3.80 -1.79
CA HIS B 32 5.08 5.15 -1.74
C HIS B 32 6.36 5.24 -0.87
N GLU B 33 6.36 4.61 0.29
CA GLU B 33 7.51 4.64 1.20
C GLU B 33 8.74 4.07 0.49
N ASP B 34 8.55 3.01 -0.30
CA ASP B 34 9.65 2.45 -1.09
C ASP B 34 10.24 3.53 -2.03
N TYR B 35 9.36 4.30 -2.68
CA TYR B 35 9.84 5.35 -3.59
C TYR B 35 10.57 6.46 -2.87
N GLU B 36 10.11 6.79 -1.66
CA GLU B 36 10.81 7.82 -0.86
C GLU B 36 12.20 7.39 -0.32
N GLN B 37 12.37 6.10 -0.05
CA GLN B 37 13.63 5.49 0.44
C GLN B 37 14.63 5.47 -0.71
N THR B 39 14.43 7.36 -3.80
CA THR B 39 14.67 8.63 -4.53
C THR B 39 15.96 9.39 -4.19
N PRO B 40 16.21 9.73 -2.91
CA PRO B 40 17.51 10.37 -2.57
C PRO B 40 18.76 9.60 -3.09
N LEU B 41 18.68 8.26 -3.14
CA LEU B 41 19.78 7.43 -3.63
C LEU B 41 19.96 7.58 -5.12
N LEU B 42 18.83 7.63 -5.84
CA LEU B 42 18.80 7.83 -7.26
C LEU B 42 19.36 9.17 -7.64
N GLU B 43 19.14 10.15 -6.79
CA GLU B 43 19.61 11.48 -7.11
C GLU B 43 21.07 11.61 -6.85
N SER B 44 21.54 10.99 -5.77
CA SER B 44 22.97 11.02 -5.51
C SER B 44 23.64 10.31 -6.69
N ALA B 45 23.16 9.14 -7.10
CA ALA B 45 23.71 8.40 -8.23
C ALA B 45 23.79 9.24 -9.53
N LEU B 46 22.72 9.97 -9.84
CA LEU B 46 22.68 10.82 -11.04
C LEU B 46 23.62 12.06 -10.95
N ALA B 47 23.86 12.56 -9.74
CA ALA B 47 24.80 13.65 -9.51
C ALA B 47 26.24 13.15 -9.71
N GLY B 48 26.46 11.88 -9.34
CA GLY B 48 27.75 11.22 -9.51
C GLY B 48 27.99 10.60 -10.88
N ILE B 49 26.93 10.04 -11.50
CA ILE B 49 27.02 9.42 -12.84
C ILE B 49 27.01 10.53 -13.89
N ILE B 54 23.86 7.90 -19.62
CA ILE B 54 23.44 6.95 -18.57
C ILE B 54 22.64 5.79 -19.19
N VAL B 55 22.92 4.58 -18.72
CA VAL B 55 22.22 3.36 -19.13
C VAL B 55 21.85 2.66 -17.83
N ALA B 56 20.73 1.95 -17.84
CA ALA B 56 20.23 1.24 -16.66
C ALA B 56 19.73 -0.19 -16.88
N LEU B 57 19.68 -0.93 -15.79
CA LEU B 57 19.16 -2.26 -15.80
C LEU B 57 18.09 -2.31 -14.74
N ILE B 58 16.90 -2.83 -15.09
CA ILE B 58 15.82 -2.96 -14.14
C ILE B 58 15.37 -4.41 -14.10
N ASP B 59 15.61 -5.08 -12.97
CA ASP B 59 15.17 -6.46 -12.77
C ASP B 59 13.74 -6.46 -12.17
N ILE B 60 12.79 -7.00 -12.93
CA ILE B 60 11.40 -7.10 -12.56
C ILE B 60 10.98 -8.55 -12.38
N THR B 61 11.95 -9.46 -12.30
CA THR B 61 11.60 -10.86 -12.15
C THR B 61 10.81 -11.15 -10.89
N GLU B 62 10.97 -10.33 -9.84
CA GLU B 62 10.27 -10.54 -8.57
C GLU B 62 9.28 -9.43 -8.23
N LEU B 63 8.95 -8.61 -9.24
CA LEU B 63 7.98 -7.54 -9.13
C LEU B 63 6.53 -8.03 -9.22
N ASP B 64 5.71 -7.69 -8.23
CA ASP B 64 4.27 -7.99 -8.28
C ASP B 64 3.51 -6.82 -8.95
N GLY B 65 3.80 -5.60 -8.53
CA GLY B 65 3.15 -4.42 -9.05
C GLY B 65 3.46 -3.26 -8.15
N LEU B 66 2.82 -2.14 -8.42
CA LEU B 66 2.98 -0.88 -7.65
C LEU B 66 1.65 -0.42 -7.09
N SER B 67 1.65 0.19 -5.90
CA SER B 67 0.44 0.76 -5.33
C SER B 67 0.04 1.94 -6.21
N LEU B 68 -1.18 2.41 -6.05
CA LEU B 68 -1.61 3.58 -6.80
C LEU B 68 -0.64 4.73 -6.56
N HIS B 69 -0.40 5.06 -5.29
CA HIS B 69 0.50 6.17 -4.92
C HIS B 69 1.91 5.98 -5.51
N ALA B 70 2.41 4.75 -5.54
CA ALA B 70 3.71 4.45 -6.03
C ALA B 70 3.79 4.62 -7.56
N ALA B 71 2.69 4.31 -8.27
CA ALA B 71 2.64 4.42 -9.71
C ALA B 71 2.78 5.85 -10.03
N TRP B 72 2.19 6.70 -9.20
CA TRP B 72 2.35 8.14 -9.36
C TRP B 72 3.74 8.65 -9.08
N ASP B 73 4.39 8.15 -8.03
CA ASP B 73 5.75 8.55 -7.71
C ASP B 73 6.65 8.12 -8.84
N ASP B 74 6.37 6.95 -9.41
CA ASP B 74 7.16 6.38 -10.48
C ASP B 74 7.06 7.26 -11.71
N LEU B 75 5.85 7.57 -12.13
CA LEU B 75 5.64 8.46 -13.27
C LEU B 75 6.32 9.82 -13.06
N LYS B 76 6.24 10.35 -11.85
CA LYS B 76 6.88 11.60 -11.52
C LYS B 76 8.39 11.44 -11.78
N LEU B 77 8.98 10.32 -11.36
CA LEU B 77 10.40 10.10 -11.55
C LEU B 77 10.78 9.95 -13.02
N GLY B 78 9.97 9.22 -13.82
CA GLY B 78 10.21 9.09 -15.27
C GLY B 78 10.14 10.43 -16.03
N LEU B 79 9.17 11.28 -15.64
CA LEU B 79 9.03 12.62 -16.23
C LEU B 79 10.23 13.53 -15.89
N LYS B 80 10.80 13.32 -14.71
CA LYS B 80 11.94 14.13 -14.28
C LYS B 80 13.28 13.66 -14.80
N HIS B 81 13.45 12.34 -14.89
CA HIS B 81 14.76 11.72 -15.09
C HIS B 81 14.90 10.76 -16.22
N GLY B 82 13.80 10.32 -16.83
CA GLY B 82 13.87 9.29 -17.88
C GLY B 82 14.65 9.70 -19.10
N LYS B 83 14.55 10.98 -19.45
CA LYS B 83 15.29 11.47 -20.61
C LYS B 83 16.81 11.21 -20.47
N GLU B 84 17.31 11.16 -19.24
CA GLU B 84 18.73 10.95 -18.98
C GLU B 84 19.18 9.52 -19.27
N PHE B 85 18.23 8.58 -19.37
CA PHE B 85 18.56 7.20 -19.67
C PHE B 85 18.45 6.88 -21.17
N LYS B 86 19.58 6.59 -21.80
CA LYS B 86 19.61 6.31 -23.24
C LYS B 86 19.14 4.88 -23.54
N ARG B 87 19.51 3.90 -22.70
CA ARG B 87 19.10 2.53 -22.87
C ARG B 87 18.70 1.98 -21.54
N VAL B 88 17.65 1.15 -21.57
CA VAL B 88 17.17 0.48 -20.36
C VAL B 88 16.85 -0.99 -20.68
N ALA B 89 17.62 -1.89 -20.09
CA ALA B 89 17.37 -3.33 -20.21
C ALA B 89 16.44 -3.71 -19.05
N ILE B 90 15.36 -4.40 -19.38
CA ILE B 90 14.41 -4.89 -18.41
C ILE B 90 14.68 -6.36 -18.34
N ILE B 91 14.97 -6.84 -17.13
CA ILE B 91 15.22 -8.25 -16.90
C ILE B 91 13.95 -8.82 -16.27
N GLY B 92 13.32 -9.75 -16.95
CA GLY B 92 12.05 -10.31 -16.50
C GLY B 92 11.85 -11.71 -17.07
N GLN B 93 10.61 -12.20 -17.01
CA GLN B 93 10.29 -13.55 -17.53
C GLN B 93 8.92 -13.53 -18.16
N GLY B 94 8.82 -14.06 -19.35
CA GLY B 94 7.52 -14.19 -19.99
C GLY B 94 7.15 -13.06 -20.89
N GLU B 95 6.17 -13.36 -21.73
CA GLU B 95 5.75 -12.46 -22.77
C GLU B 95 4.87 -11.30 -22.36
N LEU B 96 4.31 -11.41 -21.17
CA LEU B 96 3.43 -10.39 -20.63
C LEU B 96 4.34 -9.27 -20.12
N GLN B 97 5.40 -9.65 -19.41
CA GLN B 97 6.45 -8.67 -19.05
C GLN B 97 7.17 -8.13 -20.31
N GLU B 98 7.36 -8.95 -21.32
CA GLU B 98 7.95 -8.43 -22.54
C GLU B 98 7.00 -7.42 -23.22
N TRP B 99 5.71 -7.72 -23.26
CA TRP B 99 4.72 -6.83 -23.85
C TRP B 99 4.70 -5.48 -23.14
N ALA B 100 4.72 -5.53 -21.81
CA ALA B 100 4.73 -4.35 -20.97
C ALA B 100 5.97 -3.51 -21.24
N THR B 101 7.08 -4.16 -21.53
CA THR B 101 8.33 -3.48 -21.86
C THR B 101 8.23 -2.76 -23.18
N ARG B 102 7.66 -3.43 -24.17
CA ARG B 102 7.42 -2.86 -25.51
C ARG B 102 6.46 -1.69 -25.46
N VAL B 103 5.46 -1.75 -24.58
CA VAL B 103 4.56 -0.62 -24.38
C VAL B 103 5.33 0.55 -23.75
N ALA B 104 6.11 0.29 -22.71
CA ALA B 104 6.93 1.31 -22.07
C ALA B 104 7.89 1.91 -23.08
N ASN B 105 8.47 1.06 -23.94
CA ASN B 105 9.39 1.57 -24.94
C ASN B 105 8.74 2.63 -25.84
N TRP B 106 7.48 2.44 -26.20
CA TRP B 106 6.75 3.36 -27.06
C TRP B 106 6.61 4.75 -26.40
N PHE B 107 6.40 4.77 -25.08
CA PHE B 107 6.21 5.96 -24.30
C PHE B 107 7.42 6.82 -23.98
N THR B 108 8.59 6.23 -24.11
CA THR B 108 9.79 6.81 -23.55
C THR B 108 10.82 7.14 -24.57
N PRO B 109 11.60 8.23 -24.30
CA PRO B 109 12.66 8.63 -25.20
C PRO B 109 13.84 7.62 -25.24
N GLY B 110 14.26 7.04 -24.11
CA GLY B 110 15.35 6.03 -24.14
C GLY B 110 14.86 4.70 -24.76
N GLU B 111 15.76 3.87 -25.24
CA GLU B 111 15.38 2.54 -25.76
C GLU B 111 15.30 1.52 -24.63
N PHE B 112 14.11 0.95 -24.44
CA PHE B 112 13.85 -0.07 -23.44
C PHE B 112 13.75 -1.38 -24.21
N LYS B 113 14.45 -2.40 -23.73
CA LYS B 113 14.48 -3.71 -24.32
C LYS B 113 14.41 -4.77 -23.23
N PHE B 114 13.64 -5.82 -23.51
CA PHE B 114 13.41 -6.91 -22.59
C PHE B 114 14.40 -8.04 -22.77
N PHE B 115 14.88 -8.55 -21.65
CA PHE B 115 15.77 -9.71 -21.63
C PHE B 115 15.39 -10.65 -20.48
N GLU B 116 15.70 -11.93 -20.65
CA GLU B 116 15.53 -12.93 -19.60
C GLU B 116 16.86 -13.21 -18.89
N ASP B 117 17.97 -13.01 -19.60
CA ASP B 117 19.31 -13.28 -19.08
C ASP B 117 20.11 -11.99 -18.97
N LYS B 118 20.61 -11.71 -17.75
CA LYS B 118 21.42 -10.51 -17.46
C LYS B 118 22.63 -10.34 -18.38
N ARG B 119 23.28 -11.44 -18.72
CA ARG B 119 24.49 -11.43 -19.55
C ARG B 119 24.15 -10.96 -20.96
N ASP B 120 23.00 -11.38 -21.48
CA ASP B 120 22.57 -10.99 -22.82
C ASP B 120 22.18 -9.54 -22.83
N ALA B 121 21.60 -9.11 -21.72
CA ALA B 121 21.19 -7.72 -21.49
C ALA B 121 22.36 -6.76 -21.41
N LEU B 122 23.40 -7.14 -20.66
CA LEU B 122 24.61 -6.33 -20.52
C LEU B 122 25.39 -6.20 -21.83
N ASP B 123 25.30 -7.19 -22.70
CA ASP B 123 25.94 -7.08 -24.01
C ASP B 123 25.33 -5.98 -24.86
N TRP B 124 24.01 -5.81 -24.75
CA TRP B 124 23.26 -4.80 -25.50
C TRP B 124 23.24 -3.44 -24.79
N LEU B 125 23.23 -3.49 -23.46
CA LEU B 125 23.16 -2.28 -22.64
C LEU B 125 24.38 -1.38 -22.76
N CYS B 126 25.57 -1.94 -22.75
CA CYS B 126 26.77 -1.11 -22.91
C CYS B 126 27.81 -1.80 -23.76
#